data_2Z3U
#
_entry.id   2Z3U
#
_cell.length_a   44.627
_cell.length_b   66.610
_cell.length_c   136.813
_cell.angle_alpha   90.000
_cell.angle_beta   90.000
_cell.angle_gamma   90.000
#
_symmetry.space_group_name_H-M   'P 21 21 21'
#
loop_
_entity.id
_entity.type
_entity.pdbx_description
1 polymer 'Cytochrome P450'
2 non-polymer 'PROTOPORPHYRIN IX CONTAINING FE'
3 non-polymer '3,4-DI-1H-INDOL-3-YL-1H-PYRROLE-2,5-DICARBOXYLIC ACID'
4 non-polymer 1,2-ETHANEDIOL
5 water water
#
_entity_poly.entity_id   1
_entity_poly.type   'polypeptide(L)'
_entity_poly.pdbx_seq_one_letter_code
;MASATLPRFDLMGWDKKDIADPYPVYRRYREAAPVHRTASGPGKPDTYYVFTYDDVVRVLSNRRLGRNARVASGDTDTAP
VPIPTEHRALRTVVENWLVFLDPPHHTELRSLLTTEFSPSIVTGLRPRIAELASALLDRLRAQRRPDLVEGFAAPLPILV
ISALLGIPEEDHTWLRANAVALQEASTTRARDGRGYARAEAASQEFTRYFRREVDRRGGDDRDDLLTLLVRARDTGSPLS
VDGIVGTCVHLLTAGHETTTNFLAKAVLTLRAHRDVLDELRTTPESTPAAVEELMRYDPPVQAVTRWAYEDIRLGDHDIP
RGSRVVALLGSANRDPARFPDPDVLDVHRAAERQVGFGLGIHYCLGATLARAEAEIGLRALLDGIPALGRGAHEVEYADD
MVFHGPTRLLLDLPDAALEHHHHHH
;
_entity_poly.pdbx_strand_id   A
#
# COMPACT_ATOMS: atom_id res chain seq x y z
N ALA A 4 -9.61 21.07 -27.27
CA ALA A 4 -9.57 19.92 -26.32
C ALA A 4 -10.95 19.67 -25.73
N THR A 5 -11.02 18.63 -24.93
CA THR A 5 -12.25 18.28 -24.26
C THR A 5 -11.94 18.21 -22.77
N LEU A 6 -11.10 17.25 -22.38
CA LEU A 6 -10.76 17.07 -20.97
C LEU A 6 -9.73 18.03 -20.37
N PRO A 7 -9.99 18.51 -19.15
CA PRO A 7 -9.07 19.43 -18.47
C PRO A 7 -7.89 18.64 -17.90
N ARG A 8 -7.03 19.33 -17.17
CA ARG A 8 -5.87 18.71 -16.55
C ARG A 8 -6.29 17.71 -15.46
N PHE A 9 -5.52 16.63 -15.34
CA PHE A 9 -5.78 15.58 -14.36
C PHE A 9 -4.74 15.50 -13.25
N ASP A 10 -5.23 15.32 -12.02
CA ASP A 10 -4.38 15.10 -10.86
C ASP A 10 -5.19 14.35 -9.81
N LEU A 11 -4.50 13.80 -8.80
CA LEU A 11 -5.11 13.01 -7.75
C LEU A 11 -5.52 13.82 -6.51
N MET A 12 -5.48 15.15 -6.60
CA MET A 12 -5.79 16.03 -5.47
C MET A 12 -7.15 16.71 -5.32
N GLY A 13 -7.54 16.90 -4.06
CA GLY A 13 -8.79 17.57 -3.74
C GLY A 13 -10.09 16.90 -4.14
N TRP A 14 -10.02 15.62 -4.49
CA TRP A 14 -11.21 14.87 -4.90
C TRP A 14 -12.28 14.77 -3.82
N ASP A 15 -13.54 14.78 -4.23
CA ASP A 15 -14.66 14.66 -3.31
C ASP A 15 -14.74 13.21 -2.88
N LYS A 16 -15.36 12.97 -1.73
CA LYS A 16 -15.50 11.61 -1.22
C LYS A 16 -16.20 10.68 -2.21
N LYS A 17 -17.13 11.21 -3.00
CA LYS A 17 -17.85 10.40 -3.97
C LYS A 17 -16.90 9.77 -4.99
N ASP A 18 -15.99 10.57 -5.51
CA ASP A 18 -15.04 10.06 -6.50
C ASP A 18 -13.92 9.23 -5.89
N ILE A 19 -13.57 9.52 -4.64
CA ILE A 19 -12.52 8.75 -3.97
C ILE A 19 -13.03 7.32 -3.81
N ALA A 20 -14.31 7.20 -3.42
CA ALA A 20 -14.96 5.90 -3.23
C ALA A 20 -15.12 5.14 -4.55
N ASP A 21 -15.46 5.85 -5.62
CA ASP A 21 -15.61 5.23 -6.93
C ASP A 21 -14.89 6.08 -7.97
N PRO A 22 -13.55 5.93 -8.06
CA PRO A 22 -12.72 6.69 -9.00
C PRO A 22 -12.71 6.18 -10.43
N TYR A 23 -13.16 4.94 -10.61
CA TYR A 23 -13.14 4.31 -11.93
C TYR A 23 -13.79 5.06 -13.09
N PRO A 24 -14.94 5.73 -12.85
CA PRO A 24 -15.55 6.45 -13.97
C PRO A 24 -14.62 7.58 -14.45
N VAL A 25 -13.81 8.10 -13.53
CA VAL A 25 -12.86 9.17 -13.86
C VAL A 25 -11.69 8.62 -14.68
N TYR A 26 -11.11 7.51 -14.25
CA TYR A 26 -9.98 6.92 -14.97
C TYR A 26 -10.45 6.54 -16.36
N ARG A 27 -11.69 6.09 -16.47
CA ARG A 27 -12.22 5.68 -17.75
C ARG A 27 -12.31 6.83 -18.73
N ARG A 28 -12.94 7.93 -18.34
CA ARG A 28 -13.06 9.06 -19.24
C ARG A 28 -11.70 9.50 -19.79
N TYR A 29 -10.68 9.44 -18.94
CA TYR A 29 -9.33 9.83 -19.34
C TYR A 29 -8.61 8.74 -20.14
N ARG A 30 -8.81 7.48 -19.76
CA ARG A 30 -8.17 6.38 -20.47
C ARG A 30 -8.67 6.28 -21.91
N GLU A 31 -9.95 6.59 -22.11
CA GLU A 31 -10.56 6.54 -23.44
C GLU A 31 -10.12 7.69 -24.36
N ALA A 32 -9.61 8.78 -23.78
CA ALA A 32 -9.15 9.91 -24.58
C ALA A 32 -7.67 9.74 -24.95
N ALA A 33 -6.88 9.23 -24.01
CA ALA A 33 -5.45 9.01 -24.22
C ALA A 33 -4.85 8.16 -23.11
N PRO A 34 -3.82 7.37 -23.43
CA PRO A 34 -3.17 6.52 -22.44
C PRO A 34 -2.37 7.31 -21.41
N VAL A 35 -1.79 8.42 -21.87
CA VAL A 35 -0.99 9.29 -21.02
C VAL A 35 -1.45 10.75 -21.06
N HIS A 36 -1.58 11.36 -19.89
CA HIS A 36 -2.01 12.75 -19.79
C HIS A 36 -0.97 13.56 -19.02
N ARG A 37 -0.60 14.72 -19.55
CA ARG A 37 0.37 15.49 -18.80
C ARG A 37 -0.26 16.71 -18.14
N THR A 38 0.21 16.98 -16.94
CA THR A 38 -0.25 18.06 -16.09
C THR A 38 0.90 18.96 -15.67
N ALA A 39 0.83 20.21 -16.11
CA ALA A 39 1.87 21.16 -15.79
C ALA A 39 1.69 21.69 -14.38
N SER A 40 2.81 21.87 -13.68
CA SER A 40 2.83 22.47 -12.37
C SER A 40 3.26 23.88 -12.78
N GLY A 41 3.51 24.81 -11.87
CA GLY A 41 3.81 26.14 -12.35
C GLY A 41 5.14 26.81 -12.16
N PRO A 42 5.90 26.50 -11.09
CA PRO A 42 7.21 27.18 -10.99
C PRO A 42 8.49 26.40 -11.42
N GLY A 43 9.19 25.79 -10.44
CA GLY A 43 10.38 25.13 -10.77
C GLY A 43 9.95 23.75 -10.37
N LYS A 44 8.63 23.65 -10.38
CA LYS A 44 7.99 22.36 -10.10
C LYS A 44 7.92 21.63 -11.43
N PRO A 45 8.33 20.37 -11.43
CA PRO A 45 8.33 19.58 -12.65
C PRO A 45 6.93 19.09 -13.11
N ASP A 46 6.80 18.81 -14.41
CA ASP A 46 5.53 18.31 -14.94
C ASP A 46 5.32 16.87 -14.48
N THR A 47 4.06 16.45 -14.50
CA THR A 47 3.73 15.08 -14.11
C THR A 47 2.93 14.44 -15.25
N TYR A 48 3.27 13.21 -15.58
CA TYR A 48 2.56 12.48 -16.63
C TYR A 48 1.83 11.30 -16.01
N TYR A 49 0.50 11.32 -16.13
CA TYR A 49 -0.34 10.27 -15.58
C TYR A 49 -0.66 9.22 -16.63
N VAL A 50 -0.39 7.97 -16.27
CA VAL A 50 -0.58 6.84 -17.16
C VAL A 50 -1.83 6.08 -16.75
N PHE A 51 -2.75 5.93 -17.70
CA PHE A 51 -4.04 5.27 -17.44
C PHE A 51 -4.17 3.87 -18.02
N THR A 52 -3.42 3.59 -19.08
CA THR A 52 -3.51 2.29 -19.73
C THR A 52 -2.68 1.16 -19.10
N TYR A 53 -3.20 -0.05 -19.20
CA TYR A 53 -2.50 -1.22 -18.65
C TYR A 53 -1.10 -1.33 -19.25
N ASP A 54 -1.02 -1.43 -20.58
CA ASP A 54 0.26 -1.56 -21.26
C ASP A 54 1.24 -0.46 -20.91
N ASP A 55 0.78 0.78 -20.80
CA ASP A 55 1.70 1.85 -20.47
C ASP A 55 2.08 1.87 -18.99
N VAL A 56 1.19 1.37 -18.12
CA VAL A 56 1.49 1.30 -16.70
C VAL A 56 2.59 0.25 -16.57
N VAL A 57 2.44 -0.85 -17.31
CA VAL A 57 3.44 -1.92 -17.29
C VAL A 57 4.79 -1.30 -17.67
N ARG A 58 4.80 -0.49 -18.71
CA ARG A 58 6.01 0.17 -19.18
C ARG A 58 6.60 1.10 -18.12
N VAL A 59 5.74 1.75 -17.34
CA VAL A 59 6.22 2.65 -16.30
C VAL A 59 6.95 1.87 -15.22
N LEU A 60 6.35 0.79 -14.77
CA LEU A 60 6.95 -0.03 -13.72
C LEU A 60 8.13 -0.88 -14.19
N SER A 61 8.32 -0.98 -15.50
CA SER A 61 9.37 -1.83 -16.08
C SER A 61 10.64 -1.14 -16.60
N ASN A 62 10.47 -0.05 -17.33
CA ASN A 62 11.58 0.69 -17.93
C ASN A 62 12.61 1.14 -16.89
N ARG A 63 13.89 0.80 -17.07
CA ARG A 63 14.88 1.21 -16.07
C ARG A 63 15.38 2.65 -16.14
N ARG A 64 14.80 3.49 -17.00
CA ARG A 64 15.24 4.86 -16.98
C ARG A 64 14.27 5.71 -16.17
N LEU A 65 13.41 5.00 -15.44
CA LEU A 65 12.46 5.58 -14.52
C LEU A 65 13.02 5.14 -13.16
N GLY A 66 13.23 6.09 -12.25
CA GLY A 66 13.75 5.77 -10.93
C GLY A 66 12.85 6.32 -9.84
N ARG A 67 13.29 6.26 -8.58
CA ARG A 67 12.48 6.75 -7.46
C ARG A 67 12.91 8.11 -6.91
N ASN A 68 14.10 8.56 -7.27
CA ASN A 68 14.67 9.81 -6.75
C ASN A 68 14.58 11.03 -7.67
N ALA A 69 13.77 12.00 -7.28
CA ALA A 69 13.59 13.23 -8.06
C ALA A 69 14.87 14.07 -8.16
N ARG A 70 15.80 13.89 -7.22
CA ARG A 70 17.05 14.65 -7.22
C ARG A 70 17.98 14.04 -8.28
N VAL A 71 17.93 12.72 -8.41
CA VAL A 71 18.74 12.02 -9.40
C VAL A 71 18.20 12.38 -10.79
N ALA A 72 16.88 12.53 -10.89
CA ALA A 72 16.22 12.84 -12.15
C ALA A 72 16.51 14.24 -12.67
N SER A 73 16.51 15.22 -11.76
CA SER A 73 16.77 16.60 -12.10
C SER A 73 18.27 16.94 -12.07
N GLY A 74 19.07 16.15 -11.34
CA GLY A 74 20.50 16.40 -11.23
C GLY A 74 20.77 17.70 -10.49
N ASP A 75 19.83 18.02 -9.59
CA ASP A 75 19.85 19.24 -8.79
C ASP A 75 19.84 18.99 -7.26
N THR A 76 20.98 19.24 -6.64
CA THR A 76 21.18 19.07 -5.21
C THR A 76 20.01 19.67 -4.42
N ASP A 77 19.51 20.82 -4.88
CA ASP A 77 18.42 21.51 -4.22
C ASP A 77 17.10 20.74 -4.15
N THR A 78 16.79 19.96 -5.17
CA THR A 78 15.55 19.19 -5.17
C THR A 78 15.63 17.99 -4.20
N ALA A 79 14.54 17.82 -3.43
CA ALA A 79 14.44 16.75 -2.42
C ALA A 79 14.38 15.35 -3.03
N PRO A 80 15.14 14.39 -2.48
CA PRO A 80 15.15 13.02 -2.99
C PRO A 80 13.77 12.39 -2.93
N VAL A 81 13.01 12.70 -1.87
CA VAL A 81 11.66 12.19 -1.71
C VAL A 81 10.72 13.39 -1.47
N PRO A 82 9.42 13.23 -1.75
CA PRO A 82 8.39 14.26 -1.59
C PRO A 82 8.01 14.71 -0.16
N ILE A 83 9.00 15.06 0.66
CA ILE A 83 8.72 15.56 2.00
C ILE A 83 9.61 16.79 2.22
N PRO A 84 9.00 17.91 2.66
CA PRO A 84 9.73 19.16 2.90
C PRO A 84 10.94 19.01 3.83
N THR A 85 12.01 19.72 3.52
CA THR A 85 13.22 19.68 4.35
C THR A 85 12.88 20.06 5.80
N GLU A 86 11.86 20.91 6.01
CA GLU A 86 11.47 21.38 7.36
C GLU A 86 11.37 20.21 8.32
N HIS A 87 10.77 19.15 7.80
CA HIS A 87 10.50 17.91 8.51
C HIS A 87 11.61 16.87 8.34
N ARG A 88 12.70 17.08 9.08
CA ARG A 88 13.88 16.24 9.04
C ARG A 88 13.70 14.79 9.51
N ALA A 89 12.98 14.56 10.59
CA ALA A 89 12.79 13.18 11.05
C ALA A 89 11.96 12.42 10.02
N LEU A 90 10.96 13.09 9.46
CA LEU A 90 10.09 12.48 8.45
C LEU A 90 10.89 12.18 7.19
N ARG A 91 11.66 13.17 6.75
CA ARG A 91 12.47 13.00 5.55
C ARG A 91 13.40 11.80 5.69
N THR A 92 14.13 11.74 6.80
CA THR A 92 15.07 10.65 7.06
C THR A 92 14.41 9.27 6.97
N VAL A 93 13.32 9.12 7.68
CA VAL A 93 12.54 7.89 7.74
C VAL A 93 12.07 7.47 6.34
N VAL A 94 11.46 8.41 5.61
CA VAL A 94 10.95 8.11 4.28
C VAL A 94 12.02 7.82 3.23
N GLU A 95 13.09 8.60 3.20
CA GLU A 95 14.11 8.37 2.19
C GLU A 95 14.90 7.10 2.51
N ASN A 96 14.50 6.41 3.57
CA ASN A 96 15.13 5.16 3.96
C ASN A 96 14.22 3.99 3.66
N TRP A 97 13.11 4.25 2.96
CA TRP A 97 12.18 3.18 2.60
C TRP A 97 12.69 2.49 1.34
N LEU A 98 12.67 1.16 1.34
CA LEU A 98 13.14 0.36 0.21
C LEU A 98 12.43 0.75 -1.10
N VAL A 99 11.13 1.04 -1.01
CA VAL A 99 10.34 1.41 -2.18
C VAL A 99 10.90 2.64 -2.93
N PHE A 100 11.57 3.53 -2.21
CA PHE A 100 12.13 4.74 -2.82
C PHE A 100 13.64 4.70 -3.08
N LEU A 101 14.22 3.51 -3.06
CA LEU A 101 15.65 3.35 -3.30
C LEU A 101 15.92 2.87 -4.72
N ASP A 102 17.10 3.19 -5.24
CA ASP A 102 17.50 2.73 -6.57
C ASP A 102 18.61 1.71 -6.44
N PRO A 103 18.79 0.90 -7.48
CA PRO A 103 19.88 -0.09 -7.42
C PRO A 103 21.15 0.78 -7.46
N PRO A 104 22.26 0.31 -6.89
CA PRO A 104 22.46 -0.97 -6.20
C PRO A 104 21.97 -1.05 -4.74
N HIS A 105 21.84 0.09 -4.06
CA HIS A 105 21.41 0.10 -2.67
C HIS A 105 20.11 -0.70 -2.53
N HIS A 106 19.17 -0.43 -3.42
CA HIS A 106 17.90 -1.12 -3.42
C HIS A 106 18.07 -2.64 -3.53
N THR A 107 18.98 -3.06 -4.41
CA THR A 107 19.24 -4.49 -4.62
C THR A 107 19.79 -5.14 -3.35
N GLU A 108 20.79 -4.49 -2.75
CA GLU A 108 21.41 -5.01 -1.54
C GLU A 108 20.41 -5.17 -0.39
N LEU A 109 19.53 -4.20 -0.22
CA LEU A 109 18.55 -4.23 0.86
C LEU A 109 17.45 -5.27 0.63
N ARG A 110 16.85 -5.28 -0.56
CA ARG A 110 15.79 -6.23 -0.86
C ARG A 110 16.34 -7.65 -0.71
N SER A 111 17.56 -7.84 -1.18
CA SER A 111 18.23 -9.13 -1.12
C SER A 111 18.35 -9.64 0.30
N LEU A 112 18.71 -8.74 1.21
CA LEU A 112 18.86 -9.07 2.62
C LEU A 112 17.50 -9.36 3.25
N LEU A 113 16.48 -8.69 2.76
CA LEU A 113 15.12 -8.79 3.27
C LEU A 113 14.22 -9.91 2.71
N THR A 114 14.35 -10.22 1.42
CA THR A 114 13.49 -11.20 0.79
C THR A 114 13.43 -12.62 1.36
N THR A 115 14.54 -13.12 1.89
CA THR A 115 14.56 -14.47 2.45
C THR A 115 13.52 -14.63 3.56
N GLU A 116 13.26 -13.54 4.28
CA GLU A 116 12.32 -13.53 5.39
C GLU A 116 10.84 -13.55 5.02
N PHE A 117 10.52 -13.37 3.74
CA PHE A 117 9.13 -13.36 3.31
C PHE A 117 8.84 -14.39 2.24
N SER A 118 9.59 -15.50 2.26
CA SER A 118 9.42 -16.56 1.27
C SER A 118 8.13 -17.35 1.41
N PRO A 119 7.69 -18.00 0.31
CA PRO A 119 6.48 -18.80 0.26
C PRO A 119 6.51 -19.83 1.40
N SER A 120 7.69 -20.37 1.63
CA SER A 120 7.87 -21.36 2.69
C SER A 120 7.53 -20.75 4.04
N ILE A 121 8.08 -19.57 4.33
CA ILE A 121 7.81 -18.92 5.60
C ILE A 121 6.34 -18.49 5.77
N VAL A 122 5.71 -18.08 4.68
CA VAL A 122 4.31 -17.67 4.75
C VAL A 122 3.43 -18.89 5.06
N THR A 123 3.79 -20.05 4.51
CA THR A 123 3.01 -21.25 4.75
C THR A 123 3.04 -21.64 6.22
N GLY A 124 4.19 -21.44 6.87
CA GLY A 124 4.29 -21.78 8.27
C GLY A 124 3.53 -20.77 9.13
N LEU A 125 3.30 -19.60 8.56
CA LEU A 125 2.60 -18.53 9.27
C LEU A 125 1.07 -18.61 9.29
N ARG A 126 0.49 -19.29 8.30
CA ARG A 126 -0.97 -19.39 8.16
C ARG A 126 -1.80 -19.84 9.36
N PRO A 127 -1.47 -20.99 9.96
CA PRO A 127 -2.25 -21.43 11.13
C PRO A 127 -2.37 -20.37 12.20
N ARG A 128 -1.30 -19.59 12.33
CA ARG A 128 -1.26 -18.52 13.31
C ARG A 128 -1.95 -17.24 12.81
N ILE A 129 -1.90 -16.98 11.51
CA ILE A 129 -2.58 -15.81 10.97
C ILE A 129 -4.07 -16.10 11.14
N ALA A 130 -4.40 -17.38 11.18
CA ALA A 130 -5.77 -17.84 11.34
C ALA A 130 -6.27 -17.68 12.79
N GLU A 131 -5.43 -18.00 13.77
CA GLU A 131 -5.88 -17.85 15.16
C GLU A 131 -5.97 -16.39 15.55
N LEU A 132 -5.18 -15.56 14.88
CA LEU A 132 -5.18 -14.13 15.13
C LEU A 132 -6.50 -13.53 14.68
N ALA A 133 -6.89 -13.83 13.44
CA ALA A 133 -8.14 -13.32 12.88
C ALA A 133 -9.32 -13.77 13.75
N SER A 134 -9.33 -15.05 14.09
CA SER A 134 -10.38 -15.63 14.90
C SER A 134 -10.50 -14.89 16.23
N ALA A 135 -9.37 -14.67 16.91
CA ALA A 135 -9.36 -13.96 18.19
C ALA A 135 -9.88 -12.53 18.04
N LEU A 136 -9.50 -11.87 16.95
CA LEU A 136 -9.93 -10.50 16.69
C LEU A 136 -11.45 -10.43 16.52
N LEU A 137 -12.00 -11.35 15.73
CA LEU A 137 -13.44 -11.40 15.48
C LEU A 137 -14.19 -11.80 16.75
N ASP A 138 -13.55 -12.67 17.52
CA ASP A 138 -14.10 -13.18 18.76
C ASP A 138 -14.45 -12.03 19.69
N ARG A 139 -13.56 -11.06 19.71
CA ARG A 139 -13.64 -9.86 20.51
C ARG A 139 -14.67 -8.85 20.04
N LEU A 140 -14.82 -8.81 18.73
CA LEU A 140 -15.70 -7.90 18.01
C LEU A 140 -17.20 -8.21 18.05
N ARG A 141 -17.57 -9.23 18.81
CA ARG A 141 -18.97 -9.60 18.95
C ARG A 141 -19.38 -9.03 20.30
N ALA A 142 -18.36 -8.78 21.12
CA ALA A 142 -18.51 -8.18 22.43
C ALA A 142 -19.05 -6.77 22.18
N GLN A 143 -18.92 -6.23 20.98
CA GLN A 143 -19.49 -4.89 20.80
C GLN A 143 -20.59 -4.73 19.77
N ARG A 144 -21.53 -3.84 20.11
CA ARG A 144 -22.73 -3.48 19.34
C ARG A 144 -22.57 -2.89 17.92
N ARG A 145 -21.66 -1.95 17.70
CA ARG A 145 -21.47 -1.43 16.34
C ARG A 145 -19.98 -1.35 16.08
N PRO A 146 -19.41 -2.53 15.87
CA PRO A 146 -18.00 -2.79 15.61
C PRO A 146 -17.49 -2.05 14.38
N ASP A 147 -16.24 -1.63 14.50
CA ASP A 147 -15.54 -0.97 13.42
C ASP A 147 -14.62 -2.05 12.85
N LEU A 148 -14.93 -2.51 11.65
CA LEU A 148 -14.13 -3.54 11.01
C LEU A 148 -12.68 -3.13 10.72
N VAL A 149 -12.41 -1.84 10.69
CA VAL A 149 -11.04 -1.38 10.42
C VAL A 149 -10.19 -1.45 11.69
N GLU A 150 -10.56 -0.65 12.69
CA GLU A 150 -9.82 -0.61 13.94
C GLU A 150 -9.92 -1.93 14.69
N GLY A 151 -11.08 -2.57 14.60
CA GLY A 151 -11.29 -3.83 15.29
C GLY A 151 -10.87 -5.08 14.55
N PHE A 152 -10.42 -4.95 13.31
CA PHE A 152 -10.02 -6.13 12.56
C PHE A 152 -9.05 -5.97 11.39
N ALA A 153 -9.44 -5.21 10.38
CA ALA A 153 -8.59 -5.04 9.19
C ALA A 153 -7.19 -4.51 9.48
N ALA A 154 -7.06 -3.65 10.48
CA ALA A 154 -5.77 -3.08 10.83
C ALA A 154 -4.94 -3.96 11.77
N PRO A 155 -5.53 -4.40 12.90
CA PRO A 155 -4.85 -5.24 13.89
C PRO A 155 -4.26 -6.55 13.33
N LEU A 156 -5.01 -7.20 12.44
CA LEU A 156 -4.55 -8.46 11.89
C LEU A 156 -3.18 -8.36 11.22
N PRO A 157 -3.04 -7.51 10.19
CA PRO A 157 -1.73 -7.40 9.55
C PRO A 157 -0.66 -6.75 10.41
N ILE A 158 -1.06 -5.92 11.37
CA ILE A 158 -0.07 -5.26 12.24
C ILE A 158 0.51 -6.29 13.22
N LEU A 159 -0.35 -7.16 13.74
CA LEU A 159 0.09 -8.20 14.66
C LEU A 159 1.00 -9.17 13.92
N VAL A 160 0.67 -9.44 12.65
CA VAL A 160 1.49 -10.37 11.87
C VAL A 160 2.88 -9.78 11.63
N ILE A 161 2.93 -8.58 11.07
CA ILE A 161 4.22 -7.95 10.81
C ILE A 161 4.96 -7.67 12.11
N SER A 162 4.24 -7.39 13.19
CA SER A 162 4.87 -7.12 14.48
C SER A 162 5.67 -8.32 14.96
N ALA A 163 5.15 -9.52 14.74
CA ALA A 163 5.84 -10.73 15.14
C ALA A 163 7.08 -10.94 14.27
N LEU A 164 6.96 -10.72 12.96
CA LEU A 164 8.12 -10.88 12.08
C LEU A 164 9.23 -9.93 12.54
N LEU A 165 8.82 -8.70 12.87
CA LEU A 165 9.73 -7.66 13.33
C LEU A 165 10.28 -8.01 14.69
N GLY A 166 9.47 -8.69 15.48
CA GLY A 166 9.87 -9.05 16.82
C GLY A 166 9.58 -7.95 17.82
N ILE A 167 8.46 -7.27 17.65
CA ILE A 167 8.03 -6.21 18.56
C ILE A 167 6.79 -6.69 19.33
N PRO A 168 6.46 -6.01 20.45
CA PRO A 168 5.33 -6.30 21.34
C PRO A 168 3.94 -6.24 20.72
N GLU A 169 3.22 -7.35 20.81
CA GLU A 169 1.86 -7.42 20.31
C GLU A 169 1.00 -6.37 20.99
N GLU A 170 1.33 -6.07 22.25
CA GLU A 170 0.58 -5.08 23.04
C GLU A 170 0.67 -3.66 22.47
N ASP A 171 1.60 -3.43 21.55
CA ASP A 171 1.76 -2.10 20.97
C ASP A 171 1.00 -1.90 19.66
N HIS A 172 0.16 -2.85 19.27
CA HIS A 172 -0.56 -2.74 18.01
C HIS A 172 -1.43 -1.49 17.81
N THR A 173 -1.95 -0.92 18.90
CA THR A 173 -2.78 0.29 18.78
C THR A 173 -1.91 1.53 18.65
N TRP A 174 -0.81 1.55 19.40
CA TRP A 174 0.12 2.67 19.36
C TRP A 174 0.76 2.71 17.96
N LEU A 175 1.19 1.53 17.49
CA LEU A 175 1.80 1.39 16.17
C LEU A 175 0.86 1.90 15.07
N ARG A 176 -0.41 1.51 15.18
CA ARG A 176 -1.42 1.90 14.19
C ARG A 176 -1.64 3.41 14.10
N ALA A 177 -1.78 4.06 15.26
CA ALA A 177 -2.02 5.50 15.32
C ALA A 177 -0.85 6.31 14.74
N ASN A 178 0.37 5.90 15.04
CA ASN A 178 1.53 6.59 14.50
C ASN A 178 1.67 6.35 13.00
N ALA A 179 1.25 5.18 12.53
CA ALA A 179 1.33 4.87 11.10
C ALA A 179 0.32 5.77 10.36
N VAL A 180 -0.84 5.97 10.97
CA VAL A 180 -1.86 6.82 10.37
C VAL A 180 -1.42 8.29 10.38
N ALA A 181 -0.79 8.72 11.48
CA ALA A 181 -0.31 10.11 11.58
C ALA A 181 0.74 10.38 10.49
N LEU A 182 1.62 9.41 10.26
CA LEU A 182 2.67 9.49 9.27
C LEU A 182 2.05 9.50 7.86
N GLN A 183 0.99 8.71 7.67
CA GLN A 183 0.33 8.66 6.37
C GLN A 183 -0.11 10.03 5.83
N GLU A 184 -0.29 11.06 6.65
CA GLU A 184 -0.68 12.38 6.15
C GLU A 184 0.42 13.02 5.32
N ALA A 185 1.58 12.40 5.34
CA ALA A 185 2.71 12.96 4.59
C ALA A 185 2.64 12.41 3.18
N SER A 186 1.74 11.45 2.96
CA SER A 186 1.58 10.88 1.64
C SER A 186 1.28 12.01 0.67
N THR A 187 1.81 11.89 -0.55
CA THR A 187 1.69 12.93 -1.56
C THR A 187 0.31 13.32 -2.07
N THR A 188 -0.72 12.55 -1.81
CA THR A 188 -2.01 12.94 -2.35
C THR A 188 -2.99 13.32 -1.26
N ARG A 189 -2.44 13.69 -0.10
CA ARG A 189 -3.22 14.08 1.06
C ARG A 189 -3.53 15.56 1.10
N ALA A 190 -4.51 15.92 1.91
CA ALA A 190 -4.94 17.30 2.13
C ALA A 190 -3.79 18.22 2.49
N ARG A 191 -3.26 17.98 3.70
CA ARG A 191 -2.15 18.75 4.28
C ARG A 191 -2.49 20.23 4.29
N ASP A 192 -3.60 20.59 4.92
CA ASP A 192 -4.05 21.96 5.13
C ASP A 192 -3.92 21.75 6.60
N GLY A 193 -3.07 22.46 7.32
CA GLY A 193 -3.00 22.25 8.75
C GLY A 193 -2.45 21.01 9.45
N ARG A 194 -1.13 21.00 9.68
CA ARG A 194 -0.39 20.00 10.45
C ARG A 194 -0.29 18.53 10.07
N GLY A 195 -0.74 18.19 8.88
CA GLY A 195 -0.59 16.82 8.45
C GLY A 195 0.90 16.52 8.57
N TYR A 196 1.73 17.40 8.00
CA TYR A 196 3.17 17.21 8.05
C TYR A 196 3.75 17.24 9.45
N ALA A 197 3.30 18.19 10.27
CA ALA A 197 3.79 18.28 11.65
C ALA A 197 3.48 17.00 12.42
N ARG A 198 2.30 16.44 12.21
CA ARG A 198 1.90 15.20 12.86
C ARG A 198 2.73 14.01 12.34
N ALA A 199 2.99 13.99 11.04
CA ALA A 199 3.76 12.93 10.44
C ALA A 199 5.20 13.03 10.95
N GLU A 200 5.63 14.27 11.17
CA GLU A 200 6.97 14.56 11.68
C GLU A 200 7.10 13.95 13.07
N ALA A 201 6.14 14.25 13.95
CA ALA A 201 6.15 13.72 15.31
C ALA A 201 6.03 12.20 15.29
N ALA A 202 5.17 11.68 14.41
CA ALA A 202 4.99 10.25 14.30
C ALA A 202 6.34 9.60 13.94
N SER A 203 7.02 10.20 12.97
CA SER A 203 8.32 9.72 12.53
C SER A 203 9.29 9.65 13.70
N GLN A 204 9.25 10.64 14.57
CA GLN A 204 10.11 10.69 15.74
C GLN A 204 9.77 9.58 16.71
N GLU A 205 8.48 9.37 16.91
CA GLU A 205 8.02 8.34 17.82
C GLU A 205 8.52 6.99 17.33
N PHE A 206 8.47 6.78 16.02
CA PHE A 206 8.95 5.52 15.45
C PHE A 206 10.47 5.43 15.57
N THR A 207 11.16 6.54 15.37
CA THR A 207 12.61 6.55 15.48
C THR A 207 13.09 6.12 16.86
N ARG A 208 12.47 6.67 17.91
CA ARG A 208 12.84 6.34 19.28
C ARG A 208 12.42 4.92 19.65
N TYR A 209 11.22 4.56 19.22
CA TYR A 209 10.71 3.24 19.49
C TYR A 209 11.63 2.20 18.84
N PHE A 210 11.97 2.41 17.58
CA PHE A 210 12.85 1.45 16.93
C PHE A 210 14.32 1.58 17.32
N ARG A 211 14.77 2.77 17.72
CA ARG A 211 16.16 2.88 18.15
C ARG A 211 16.27 2.14 19.49
N ARG A 212 15.19 2.18 20.26
CA ARG A 212 15.18 1.49 21.53
C ARG A 212 15.32 0.00 21.28
N GLU A 213 14.46 -0.51 20.39
CA GLU A 213 14.43 -1.92 20.02
C GLU A 213 15.78 -2.49 19.60
N VAL A 214 16.58 -1.69 18.89
CA VAL A 214 17.88 -2.19 18.47
C VAL A 214 18.95 -2.08 19.54
N ASP A 215 18.90 -1.11 20.45
CA ASP A 215 19.94 -1.10 21.46
C ASP A 215 19.65 -2.28 22.41
N ARG A 216 18.47 -2.90 22.22
CA ARG A 216 18.05 -4.07 22.99
C ARG A 216 18.28 -5.32 22.13
N ARG A 217 19.04 -5.19 21.05
CA ARG A 217 19.29 -6.35 20.20
C ARG A 217 20.59 -7.02 20.49
N GLY A 218 20.83 -7.09 21.79
CA GLY A 218 21.94 -7.76 22.40
C GLY A 218 21.02 -8.08 23.54
N GLY A 219 20.43 -9.27 23.52
CA GLY A 219 19.48 -9.63 24.57
C GLY A 219 19.52 -11.09 24.92
N ASP A 220 18.58 -11.82 24.34
CA ASP A 220 18.48 -13.26 24.45
C ASP A 220 17.87 -13.61 23.09
N ASP A 221 18.69 -13.13 22.13
CA ASP A 221 18.81 -13.17 20.68
C ASP A 221 18.07 -14.19 19.82
N ARG A 222 16.99 -13.63 19.26
CA ARG A 222 15.96 -14.18 18.41
C ARG A 222 16.33 -14.04 16.95
N ASP A 223 15.30 -14.23 16.14
CA ASP A 223 15.36 -14.05 14.72
C ASP A 223 14.02 -13.42 14.53
N ASP A 224 14.11 -12.19 14.07
CA ASP A 224 13.01 -11.34 13.76
C ASP A 224 13.81 -10.34 12.95
N LEU A 225 13.15 -9.70 12.00
CA LEU A 225 13.82 -8.73 11.15
C LEU A 225 14.82 -7.88 11.93
N LEU A 226 14.39 -7.33 13.06
CA LEU A 226 15.22 -6.47 13.89
C LEU A 226 16.61 -7.05 14.16
N THR A 227 16.65 -8.27 14.68
CA THR A 227 17.92 -8.93 14.97
C THR A 227 18.69 -9.12 13.67
N LEU A 228 17.99 -9.66 12.67
CA LEU A 228 18.57 -9.89 11.36
C LEU A 228 19.26 -8.60 10.91
N LEU A 229 18.53 -7.50 11.01
CA LEU A 229 19.04 -6.19 10.61
C LEU A 229 20.25 -5.77 11.44
N VAL A 230 20.12 -5.81 12.77
CA VAL A 230 21.22 -5.43 13.65
C VAL A 230 22.45 -6.31 13.46
N ARG A 231 22.25 -7.62 13.35
CA ARG A 231 23.40 -8.51 13.15
C ARG A 231 24.12 -8.21 11.84
N ALA A 232 23.37 -7.77 10.84
CA ALA A 232 23.99 -7.43 9.55
C ALA A 232 24.94 -6.25 9.71
N ARG A 233 24.48 -5.21 10.37
CA ARG A 233 25.29 -4.01 10.60
C ARG A 233 26.54 -4.38 11.41
N ASP A 234 26.33 -5.09 12.51
CA ASP A 234 27.41 -5.51 13.40
C ASP A 234 28.45 -6.37 12.69
N THR A 235 28.02 -7.12 11.69
CA THR A 235 28.96 -7.98 10.96
C THR A 235 29.49 -7.32 9.69
N GLY A 236 29.21 -6.03 9.52
CA GLY A 236 29.75 -5.32 8.38
C GLY A 236 28.88 -4.87 7.22
N SER A 237 27.60 -5.22 7.21
CA SER A 237 26.74 -4.80 6.12
C SER A 237 26.64 -3.27 6.10
N PRO A 238 26.52 -2.68 4.89
CA PRO A 238 26.40 -1.22 4.71
C PRO A 238 25.04 -0.75 5.18
N LEU A 239 24.90 -0.60 6.49
CA LEU A 239 23.63 -0.23 7.08
C LEU A 239 23.77 0.68 8.30
N SER A 240 23.07 1.80 8.29
CA SER A 240 23.09 2.76 9.39
C SER A 240 21.90 2.47 10.29
N VAL A 241 21.90 3.00 11.51
CA VAL A 241 20.76 2.74 12.38
C VAL A 241 19.53 3.48 11.84
N ASP A 242 19.75 4.55 11.09
CA ASP A 242 18.63 5.28 10.47
C ASP A 242 18.04 4.32 9.44
N GLY A 243 18.91 3.64 8.71
CA GLY A 243 18.46 2.70 7.70
C GLY A 243 17.64 1.57 8.30
N ILE A 244 18.07 1.07 9.44
CA ILE A 244 17.35 -0.01 10.12
C ILE A 244 16.01 0.54 10.58
N VAL A 245 16.05 1.71 11.22
CA VAL A 245 14.86 2.39 11.73
C VAL A 245 13.85 2.57 10.60
N GLY A 246 14.32 3.13 9.48
CA GLY A 246 13.47 3.37 8.34
C GLY A 246 12.87 2.10 7.78
N THR A 247 13.67 1.03 7.77
CA THR A 247 13.20 -0.26 7.26
C THR A 247 12.07 -0.80 8.12
N CYS A 248 12.22 -0.72 9.43
CA CYS A 248 11.19 -1.18 10.34
C CYS A 248 9.92 -0.39 10.11
N VAL A 249 10.05 0.92 9.91
CA VAL A 249 8.90 1.78 9.66
C VAL A 249 8.26 1.41 8.34
N HIS A 250 9.09 1.14 7.34
CA HIS A 250 8.63 0.77 6.01
C HIS A 250 7.88 -0.53 6.03
N LEU A 251 8.44 -1.52 6.73
CA LEU A 251 7.85 -2.85 6.83
C LEU A 251 6.57 -2.83 7.64
N LEU A 252 6.51 -1.96 8.65
CA LEU A 252 5.31 -1.85 9.49
C LEU A 252 4.15 -1.21 8.75
N THR A 253 4.43 -0.13 8.04
CA THR A 253 3.40 0.60 7.30
C THR A 253 3.00 -0.14 6.03
N ALA A 254 3.99 -0.45 5.20
CA ALA A 254 3.71 -1.16 3.95
C ALA A 254 3.21 -2.57 4.26
N GLY A 255 3.53 -3.05 5.46
CA GLY A 255 3.11 -4.38 5.86
C GLY A 255 1.70 -4.51 6.40
N HIS A 256 0.98 -3.40 6.53
CA HIS A 256 -0.39 -3.51 7.05
C HIS A 256 -1.42 -2.55 6.46
N GLU A 257 -1.04 -1.31 6.19
CA GLU A 257 -2.01 -0.36 5.64
C GLU A 257 -2.61 -0.82 4.31
N THR A 258 -1.84 -1.59 3.55
CA THR A 258 -2.29 -2.10 2.27
C THR A 258 -3.30 -3.24 2.48
N THR A 259 -2.92 -4.20 3.33
CA THR A 259 -3.77 -5.34 3.66
C THR A 259 -5.06 -4.86 4.33
N THR A 260 -4.93 -3.82 5.15
CA THR A 260 -6.06 -3.23 5.86
C THR A 260 -7.08 -2.73 4.83
N ASN A 261 -6.59 -1.98 3.85
CA ASN A 261 -7.46 -1.44 2.81
C ASN A 261 -8.07 -2.52 1.93
N PHE A 262 -7.33 -3.59 1.69
CA PHE A 262 -7.85 -4.68 0.88
C PHE A 262 -9.02 -5.31 1.61
N LEU A 263 -8.79 -5.65 2.87
CA LEU A 263 -9.81 -6.30 3.68
C LEU A 263 -11.06 -5.42 3.77
N ALA A 264 -10.88 -4.15 4.15
CA ALA A 264 -12.02 -3.24 4.27
C ALA A 264 -12.77 -3.03 2.96
N LYS A 265 -12.06 -2.77 1.87
CA LYS A 265 -12.76 -2.56 0.60
C LYS A 265 -13.38 -3.85 0.05
N ALA A 266 -12.81 -4.99 0.42
CA ALA A 266 -13.34 -6.27 -0.04
C ALA A 266 -14.73 -6.46 0.55
N VAL A 267 -14.89 -6.09 1.82
CA VAL A 267 -16.19 -6.20 2.49
C VAL A 267 -17.18 -5.30 1.76
N LEU A 268 -16.70 -4.13 1.35
CA LEU A 268 -17.52 -3.16 0.64
C LEU A 268 -17.91 -3.70 -0.74
N THR A 269 -16.96 -4.35 -1.41
CA THR A 269 -17.22 -4.90 -2.75
C THR A 269 -18.21 -6.08 -2.70
N LEU A 270 -17.94 -7.03 -1.81
CA LEU A 270 -18.82 -8.19 -1.67
C LEU A 270 -20.25 -7.74 -1.34
N ARG A 271 -20.39 -6.69 -0.52
CA ARG A 271 -21.72 -6.19 -0.14
C ARG A 271 -22.47 -5.64 -1.36
N ALA A 272 -21.73 -5.07 -2.30
CA ALA A 272 -22.34 -4.52 -3.50
C ALA A 272 -22.51 -5.62 -4.57
N HIS A 273 -22.00 -6.81 -4.27
CA HIS A 273 -22.09 -7.93 -5.21
C HIS A 273 -22.49 -9.15 -4.39
N ARG A 274 -23.73 -9.13 -3.90
CA ARG A 274 -24.24 -10.21 -3.05
C ARG A 274 -24.19 -11.62 -3.61
N ASP A 275 -24.27 -11.75 -4.93
CA ASP A 275 -24.20 -13.05 -5.56
C ASP A 275 -22.81 -13.66 -5.38
N VAL A 276 -21.80 -12.80 -5.42
CA VAL A 276 -20.43 -13.27 -5.24
C VAL A 276 -20.20 -13.58 -3.78
N LEU A 277 -20.71 -12.70 -2.92
CA LEU A 277 -20.57 -12.86 -1.49
C LEU A 277 -21.20 -14.17 -1.02
N ASP A 278 -22.42 -14.43 -1.49
CA ASP A 278 -23.12 -15.64 -1.10
C ASP A 278 -22.46 -16.87 -1.72
N GLU A 279 -21.92 -16.71 -2.92
CA GLU A 279 -21.26 -17.82 -3.60
C GLU A 279 -20.02 -18.17 -2.79
N LEU A 280 -19.33 -17.13 -2.31
CA LEU A 280 -18.11 -17.30 -1.52
C LEU A 280 -18.40 -17.93 -0.16
N ARG A 281 -19.54 -17.59 0.44
CA ARG A 281 -19.88 -18.15 1.74
C ARG A 281 -20.11 -19.66 1.69
N THR A 282 -20.56 -20.16 0.54
CA THR A 282 -20.84 -21.58 0.38
C THR A 282 -19.73 -22.40 -0.26
N THR A 283 -18.91 -21.78 -1.10
CA THR A 283 -17.83 -22.52 -1.73
C THR A 283 -16.48 -21.83 -1.52
N PRO A 284 -15.87 -22.07 -0.35
CA PRO A 284 -14.58 -21.55 0.13
C PRO A 284 -13.33 -21.88 -0.66
N GLU A 285 -13.44 -22.79 -1.63
CA GLU A 285 -12.29 -23.13 -2.45
C GLU A 285 -12.08 -22.01 -3.47
N SER A 286 -13.11 -21.18 -3.62
CA SER A 286 -13.07 -20.05 -4.54
C SER A 286 -12.33 -18.86 -3.95
N THR A 287 -12.02 -18.93 -2.66
CA THR A 287 -11.36 -17.84 -1.98
C THR A 287 -10.10 -17.31 -2.65
N PRO A 288 -9.18 -18.19 -3.07
CA PRO A 288 -7.96 -17.70 -3.73
C PRO A 288 -8.24 -16.92 -5.01
N ALA A 289 -9.22 -17.38 -5.78
CA ALA A 289 -9.57 -16.71 -7.03
C ALA A 289 -10.30 -15.40 -6.76
N ALA A 290 -11.04 -15.36 -5.65
CA ALA A 290 -11.78 -14.17 -5.29
C ALA A 290 -10.80 -13.06 -4.93
N VAL A 291 -9.83 -13.40 -4.08
CA VAL A 291 -8.80 -12.44 -3.66
C VAL A 291 -8.14 -11.79 -4.88
N GLU A 292 -7.68 -12.62 -5.80
CA GLU A 292 -7.02 -12.16 -7.01
C GLU A 292 -7.90 -11.19 -7.80
N GLU A 293 -9.18 -11.50 -7.92
CA GLU A 293 -10.12 -10.68 -8.65
C GLU A 293 -10.49 -9.42 -7.86
N LEU A 294 -10.57 -9.55 -6.54
CA LEU A 294 -10.88 -8.40 -5.69
C LEU A 294 -9.75 -7.41 -5.88
N MET A 295 -8.53 -7.93 -5.99
CA MET A 295 -7.34 -7.11 -6.17
C MET A 295 -7.35 -6.37 -7.49
N ARG A 296 -7.79 -7.04 -8.56
CA ARG A 296 -7.85 -6.38 -9.86
C ARG A 296 -8.99 -5.39 -9.85
N TYR A 297 -10.10 -5.81 -9.25
CA TYR A 297 -11.29 -4.99 -9.18
C TYR A 297 -11.14 -3.63 -8.53
N ASP A 298 -10.56 -3.59 -7.33
CA ASP A 298 -10.41 -2.35 -6.59
C ASP A 298 -9.15 -2.43 -5.74
N PRO A 299 -7.97 -2.25 -6.38
CA PRO A 299 -6.66 -2.31 -5.71
C PRO A 299 -6.45 -1.32 -4.56
N PRO A 300 -5.82 -1.78 -3.48
CA PRO A 300 -5.53 -0.98 -2.28
C PRO A 300 -4.60 0.21 -2.54
N VAL A 301 -3.74 0.06 -3.55
CA VAL A 301 -2.81 1.13 -3.93
C VAL A 301 -3.21 1.59 -5.32
N GLN A 302 -3.78 2.79 -5.39
CA GLN A 302 -4.25 3.37 -6.64
C GLN A 302 -3.19 4.05 -7.51
N ALA A 303 -2.12 4.54 -6.91
CA ALA A 303 -1.12 5.23 -7.71
C ALA A 303 0.28 5.17 -7.15
N VAL A 304 1.24 4.93 -8.04
CA VAL A 304 2.65 4.87 -7.66
C VAL A 304 3.43 5.78 -8.60
N THR A 305 4.47 6.41 -8.08
CA THR A 305 5.23 7.34 -8.90
C THR A 305 6.62 6.87 -9.27
N ARG A 306 7.14 7.47 -10.33
CA ARG A 306 8.48 7.20 -10.82
C ARG A 306 8.99 8.52 -11.36
N TRP A 307 10.28 8.60 -11.59
CA TRP A 307 10.90 9.80 -12.13
C TRP A 307 11.72 9.43 -13.34
N ALA A 308 11.65 10.25 -14.37
CA ALA A 308 12.40 10.01 -15.60
C ALA A 308 13.86 10.43 -15.46
N TYR A 309 14.76 9.45 -15.53
CA TYR A 309 16.19 9.71 -15.42
C TYR A 309 16.76 10.15 -16.77
N GLU A 310 16.02 9.86 -17.84
CA GLU A 310 16.40 10.28 -19.18
C GLU A 310 15.10 10.38 -19.98
N ASP A 311 15.14 11.07 -21.13
CA ASP A 311 13.94 11.23 -21.95
C ASP A 311 13.33 9.88 -22.28
N ILE A 312 12.00 9.80 -22.23
CA ILE A 312 11.30 8.56 -22.51
C ILE A 312 9.97 8.88 -23.20
N ARG A 313 9.63 8.10 -24.22
CA ARG A 313 8.40 8.29 -24.98
C ARG A 313 7.34 7.31 -24.48
N LEU A 314 6.19 7.84 -24.06
CA LEU A 314 5.07 7.03 -23.57
C LEU A 314 3.76 7.59 -24.08
N GLY A 315 2.93 6.71 -24.63
CA GLY A 315 1.65 7.17 -25.17
C GLY A 315 1.90 8.25 -26.20
N ASP A 316 1.14 9.34 -26.13
CA ASP A 316 1.29 10.43 -27.10
C ASP A 316 2.36 11.44 -26.65
N HIS A 317 3.03 11.17 -25.54
CA HIS A 317 4.00 12.12 -25.00
C HIS A 317 5.48 11.75 -24.99
N ASP A 318 6.32 12.78 -25.07
CA ASP A 318 7.77 12.64 -25.03
C ASP A 318 8.13 13.21 -23.66
N ILE A 319 8.30 12.33 -22.68
CA ILE A 319 8.59 12.74 -21.31
C ILE A 319 10.05 13.11 -21.06
N PRO A 320 10.32 14.40 -20.85
CA PRO A 320 11.66 14.93 -20.60
C PRO A 320 12.29 14.36 -19.33
N ARG A 321 13.62 14.39 -19.26
CA ARG A 321 14.32 13.93 -18.08
C ARG A 321 13.90 14.86 -16.94
N GLY A 322 13.67 14.31 -15.76
CA GLY A 322 13.27 15.13 -14.63
C GLY A 322 11.78 15.24 -14.42
N SER A 323 11.00 14.55 -15.24
CA SER A 323 9.55 14.57 -15.13
C SER A 323 9.05 13.48 -14.20
N ARG A 324 8.00 13.78 -13.46
CA ARG A 324 7.41 12.79 -12.57
C ARG A 324 6.47 11.95 -13.43
N VAL A 325 6.36 10.67 -13.12
CA VAL A 325 5.47 9.77 -13.86
C VAL A 325 4.61 8.99 -12.88
N VAL A 326 3.30 9.05 -13.07
CA VAL A 326 2.39 8.36 -12.17
C VAL A 326 1.65 7.21 -12.84
N ALA A 327 1.86 6.01 -12.34
CA ALA A 327 1.21 4.83 -12.88
C ALA A 327 -0.07 4.61 -12.07
N LEU A 328 -1.21 4.73 -12.75
CA LEU A 328 -2.50 4.56 -12.12
C LEU A 328 -2.89 3.09 -12.11
N LEU A 329 -2.47 2.38 -11.06
CA LEU A 329 -2.75 0.97 -10.91
C LEU A 329 -4.25 0.66 -11.01
N GLY A 330 -5.06 1.45 -10.34
CA GLY A 330 -6.49 1.23 -10.38
C GLY A 330 -7.05 1.33 -11.79
N SER A 331 -6.53 2.27 -12.57
CA SER A 331 -6.99 2.48 -13.93
C SER A 331 -6.50 1.35 -14.84
N ALA A 332 -5.27 0.87 -14.60
CA ALA A 332 -4.71 -0.21 -15.40
C ALA A 332 -5.48 -1.51 -15.21
N ASN A 333 -5.94 -1.75 -13.99
CA ASN A 333 -6.69 -2.96 -13.67
C ASN A 333 -8.11 -2.97 -14.22
N ARG A 334 -8.55 -1.84 -14.78
CA ARG A 334 -9.89 -1.77 -15.33
C ARG A 334 -9.87 -1.36 -16.79
N ASP A 335 -8.74 -1.60 -17.43
CA ASP A 335 -8.55 -1.30 -18.84
C ASP A 335 -9.16 -2.46 -19.63
N PRO A 336 -10.24 -2.19 -20.38
CA PRO A 336 -10.96 -3.20 -21.19
C PRO A 336 -10.09 -3.88 -22.25
N ALA A 337 -8.98 -3.25 -22.63
CA ALA A 337 -8.10 -3.84 -23.63
C ALA A 337 -7.40 -5.05 -23.04
N ARG A 338 -7.29 -5.05 -21.71
CA ARG A 338 -6.62 -6.14 -21.00
C ARG A 338 -7.63 -7.02 -20.25
N PHE A 339 -8.65 -6.40 -19.66
CA PHE A 339 -9.68 -7.13 -18.90
C PHE A 339 -11.09 -6.82 -19.44
N PRO A 340 -11.65 -7.71 -20.29
CA PRO A 340 -12.99 -7.49 -20.85
C PRO A 340 -14.04 -7.29 -19.76
N ASP A 341 -15.01 -6.42 -20.01
CA ASP A 341 -16.05 -6.12 -19.02
C ASP A 341 -15.33 -5.86 -17.71
N PRO A 342 -14.41 -4.88 -17.70
CA PRO A 342 -13.62 -4.51 -16.53
C PRO A 342 -14.39 -4.16 -15.26
N ASP A 343 -15.59 -3.61 -15.41
CA ASP A 343 -16.40 -3.22 -14.26
C ASP A 343 -17.19 -4.36 -13.63
N VAL A 344 -17.12 -5.53 -14.25
CA VAL A 344 -17.81 -6.71 -13.76
C VAL A 344 -16.89 -7.48 -12.82
N LEU A 345 -17.37 -7.77 -11.62
CA LEU A 345 -16.59 -8.55 -10.66
C LEU A 345 -16.79 -10.02 -11.03
N ASP A 346 -15.79 -10.59 -11.67
CA ASP A 346 -15.83 -11.97 -12.13
C ASP A 346 -14.63 -12.73 -11.57
N VAL A 347 -14.90 -13.55 -10.55
CA VAL A 347 -13.84 -14.32 -9.89
C VAL A 347 -13.30 -15.53 -10.64
N HIS A 348 -13.76 -15.73 -11.87
CA HIS A 348 -13.29 -16.84 -12.67
C HIS A 348 -12.46 -16.32 -13.84
N ARG A 349 -12.37 -15.00 -13.98
CA ARG A 349 -11.59 -14.44 -15.05
C ARG A 349 -10.13 -14.67 -14.70
N ALA A 350 -9.26 -14.59 -15.69
CA ALA A 350 -7.84 -14.74 -15.44
C ALA A 350 -7.46 -13.36 -14.98
N ALA A 351 -6.97 -13.25 -13.74
CA ALA A 351 -6.60 -11.95 -13.21
C ALA A 351 -5.19 -11.84 -12.64
N GLU A 352 -4.39 -12.90 -12.77
CA GLU A 352 -3.01 -12.88 -12.28
C GLU A 352 -2.30 -11.73 -12.98
N ARG A 353 -2.95 -11.23 -14.01
CA ARG A 353 -2.45 -10.13 -14.81
C ARG A 353 -2.45 -8.80 -14.07
N GLN A 354 -3.43 -8.61 -13.18
CA GLN A 354 -3.58 -7.35 -12.42
C GLN A 354 -2.28 -6.88 -11.77
N VAL A 355 -2.05 -5.57 -11.82
CA VAL A 355 -0.83 -4.93 -11.31
C VAL A 355 -0.95 -4.33 -9.90
N GLY A 356 -1.91 -4.83 -9.12
CA GLY A 356 -2.11 -4.34 -7.76
C GLY A 356 -0.94 -4.54 -6.82
N PHE A 357 -0.03 -5.44 -7.17
CA PHE A 357 1.16 -5.70 -6.36
C PHE A 357 2.38 -5.04 -7.03
N GLY A 358 2.10 -4.27 -8.08
CA GLY A 358 3.18 -3.62 -8.80
C GLY A 358 3.77 -4.56 -9.83
N LEU A 359 4.96 -4.21 -10.30
CA LEU A 359 5.68 -4.99 -11.30
C LEU A 359 7.10 -4.44 -11.38
N GLY A 360 8.03 -5.26 -11.88
CA GLY A 360 9.40 -4.80 -11.98
C GLY A 360 10.21 -5.05 -10.73
N ILE A 361 11.27 -4.29 -10.54
CA ILE A 361 12.15 -4.48 -9.40
C ILE A 361 11.52 -4.11 -8.06
N HIS A 362 10.51 -3.24 -8.07
CA HIS A 362 9.84 -2.84 -6.84
C HIS A 362 8.57 -3.63 -6.56
N TYR A 363 8.39 -4.75 -7.27
CA TYR A 363 7.24 -5.62 -7.11
C TYR A 363 7.05 -5.89 -5.63
N CYS A 364 5.82 -5.73 -5.15
CA CYS A 364 5.54 -5.94 -3.74
C CYS A 364 6.35 -7.05 -3.10
N LEU A 365 7.16 -6.68 -2.11
CA LEU A 365 8.03 -7.60 -1.37
C LEU A 365 7.27 -8.64 -0.56
N GLY A 366 6.10 -8.27 -0.05
CA GLY A 366 5.33 -9.21 0.74
C GLY A 366 4.11 -9.80 0.06
N ALA A 367 4.14 -9.85 -1.26
CA ALA A 367 3.02 -10.35 -2.04
C ALA A 367 2.47 -11.70 -1.55
N THR A 368 3.33 -12.68 -1.33
CA THR A 368 2.88 -13.98 -0.87
C THR A 368 2.29 -13.88 0.52
N LEU A 369 2.85 -12.99 1.34
CA LEU A 369 2.36 -12.79 2.70
C LEU A 369 1.00 -12.10 2.62
N ALA A 370 0.93 -11.10 1.74
CA ALA A 370 -0.28 -10.33 1.51
C ALA A 370 -1.43 -11.23 1.06
N ARG A 371 -1.14 -12.11 0.12
CA ARG A 371 -2.15 -13.01 -0.38
C ARG A 371 -2.63 -13.91 0.75
N ALA A 372 -1.71 -14.39 1.59
CA ALA A 372 -2.10 -15.25 2.70
C ALA A 372 -3.00 -14.53 3.70
N GLU A 373 -2.68 -13.28 4.02
CA GLU A 373 -3.48 -12.51 4.97
C GLU A 373 -4.84 -12.14 4.36
N ALA A 374 -4.87 -11.97 3.04
CA ALA A 374 -6.10 -11.62 2.34
C ALA A 374 -7.12 -12.75 2.37
N GLU A 375 -6.73 -13.94 1.93
CA GLU A 375 -7.67 -15.06 1.95
C GLU A 375 -8.01 -15.50 3.37
N ILE A 376 -7.00 -15.73 4.20
CA ILE A 376 -7.25 -16.13 5.58
C ILE A 376 -8.07 -15.04 6.25
N GLY A 377 -7.75 -13.79 5.92
CA GLY A 377 -8.46 -12.67 6.50
C GLY A 377 -9.93 -12.61 6.15
N LEU A 378 -10.23 -12.56 4.86
CA LEU A 378 -11.63 -12.48 4.48
C LEU A 378 -12.40 -13.78 4.70
N ARG A 379 -11.66 -14.86 4.99
CA ARG A 379 -12.29 -16.14 5.28
C ARG A 379 -12.90 -15.99 6.65
N ALA A 380 -12.08 -15.44 7.56
CA ALA A 380 -12.46 -15.21 8.93
C ALA A 380 -13.74 -14.36 8.96
N LEU A 381 -13.74 -13.29 8.16
CA LEU A 381 -14.89 -12.40 8.08
C LEU A 381 -16.12 -13.13 7.54
N LEU A 382 -15.94 -13.90 6.48
CA LEU A 382 -17.04 -14.65 5.88
C LEU A 382 -17.64 -15.69 6.82
N ASP A 383 -16.81 -16.43 7.56
CA ASP A 383 -17.34 -17.43 8.49
C ASP A 383 -17.73 -16.90 9.87
N GLY A 384 -17.06 -15.86 10.34
CA GLY A 384 -17.36 -15.32 11.66
C GLY A 384 -18.45 -14.26 11.73
N ILE A 385 -18.85 -13.72 10.59
CA ILE A 385 -19.89 -12.69 10.57
C ILE A 385 -20.91 -12.99 9.47
N PRO A 386 -21.88 -13.88 9.78
CA PRO A 386 -22.95 -14.29 8.86
C PRO A 386 -23.69 -13.13 8.23
N ALA A 387 -23.89 -12.07 9.00
CA ALA A 387 -24.61 -10.90 8.52
C ALA A 387 -23.72 -9.85 7.85
N LEU A 388 -22.51 -10.25 7.49
CA LEU A 388 -21.56 -9.35 6.83
C LEU A 388 -22.19 -8.67 5.62
N GLY A 389 -23.10 -9.38 4.96
CA GLY A 389 -23.74 -8.83 3.78
C GLY A 389 -25.14 -8.26 4.02
N ARG A 390 -25.63 -8.32 5.25
CA ARG A 390 -26.96 -7.79 5.56
C ARG A 390 -26.88 -6.52 6.41
N GLY A 391 -28.03 -5.88 6.57
CA GLY A 391 -28.06 -4.67 7.39
C GLY A 391 -27.31 -3.50 6.81
N ALA A 392 -27.23 -2.44 7.60
CA ALA A 392 -26.56 -1.23 7.16
C ALA A 392 -25.10 -1.18 7.57
N HIS A 393 -24.36 -0.28 6.93
CA HIS A 393 -22.96 -0.09 7.23
C HIS A 393 -22.67 1.38 7.02
N GLU A 394 -21.66 1.88 7.70
CA GLU A 394 -21.27 3.26 7.50
C GLU A 394 -19.78 3.26 7.28
N VAL A 395 -19.35 4.02 6.28
CA VAL A 395 -17.94 4.07 5.97
C VAL A 395 -17.45 5.47 5.67
N GLU A 396 -16.17 5.69 5.93
CA GLU A 396 -15.52 6.96 5.65
C GLU A 396 -14.22 6.60 4.96
N TYR A 397 -14.01 7.09 3.75
CA TYR A 397 -12.78 6.82 3.05
C TYR A 397 -11.76 7.87 3.44
N ALA A 398 -10.49 7.48 3.46
CA ALA A 398 -9.45 8.44 3.78
C ALA A 398 -9.24 9.28 2.52
N ASP A 399 -8.82 10.53 2.70
CA ASP A 399 -8.54 11.42 1.58
C ASP A 399 -7.15 11.02 1.11
N ASP A 400 -7.05 9.83 0.54
CA ASP A 400 -5.78 9.27 0.09
C ASP A 400 -5.96 8.52 -1.22
N MET A 401 -5.18 8.87 -2.24
CA MET A 401 -5.29 8.18 -3.53
C MET A 401 -4.12 7.26 -3.79
N VAL A 402 -3.26 7.07 -2.79
CA VAL A 402 -2.13 6.15 -2.90
C VAL A 402 -2.54 4.94 -2.07
N PHE A 403 -2.64 5.10 -0.76
CA PHE A 403 -3.14 4.04 0.10
C PHE A 403 -4.62 4.37 0.09
N HIS A 404 -5.36 3.64 -0.72
CA HIS A 404 -6.77 3.90 -0.92
C HIS A 404 -7.73 3.01 -0.14
N GLY A 405 -8.60 3.63 0.65
CA GLY A 405 -9.55 2.86 1.44
C GLY A 405 -10.12 3.52 2.68
N PRO A 406 -11.09 2.85 3.34
CA PRO A 406 -11.78 3.28 4.55
C PRO A 406 -10.93 3.56 5.79
N THR A 407 -11.25 4.64 6.49
CA THR A 407 -10.57 5.01 7.72
C THR A 407 -11.29 4.15 8.77
N ARG A 408 -12.55 3.84 8.48
CA ARG A 408 -13.33 2.99 9.34
C ARG A 408 -14.62 2.56 8.68
N LEU A 409 -15.12 1.41 9.13
CA LEU A 409 -16.32 0.83 8.56
C LEU A 409 -17.10 0.13 9.67
N LEU A 410 -18.15 0.77 10.15
CA LEU A 410 -18.98 0.19 11.19
C LEU A 410 -20.09 -0.64 10.58
N LEU A 411 -20.49 -1.71 11.24
CA LEU A 411 -21.52 -2.57 10.71
C LEU A 411 -22.70 -2.58 11.68
N ASP A 412 -23.92 -2.76 11.18
CA ASP A 412 -25.06 -2.80 12.07
C ASP A 412 -25.74 -4.15 12.07
N LEU A 413 -25.00 -5.17 12.47
CA LEU A 413 -25.56 -6.49 12.60
C LEU A 413 -25.26 -6.62 14.07
N PRO A 414 -26.28 -6.90 14.85
CA PRO A 414 -25.93 -7.04 16.27
C PRO A 414 -25.37 -8.39 16.65
#